data_7EQB
#
_entry.id   7EQB
#
_cell.length_a   116.542
_cell.length_b   116.542
_cell.length_c   47.080
_cell.angle_alpha   90.000
_cell.angle_beta   90.000
_cell.angle_gamma   90.000
#
_symmetry.space_group_name_H-M   'P 41 21 2'
#
loop_
_entity.id
_entity.type
_entity.pdbx_description
1 polymer 'Kinesin-like protein'
2 non-polymer 'SULFATE ION'
3 water water
#
_entity_poly.entity_id   1
_entity_poly.type   'polypeptide(L)'
_entity_poly.pdbx_seq_one_letter_code
;GHMGSSGGKDSLNDKDEEIKKLRGFCSRYKRENASMKERIASCEQGEQENALVMEKLMEQKMEDRKIIQSQKKAMRNVRG
;
_entity_poly.pdbx_strand_id   A,B
#
loop_
_chem_comp.id
_chem_comp.type
_chem_comp.name
_chem_comp.formula
SO4 non-polymer 'SULFATE ION' 'O4 S -2'
#
# COMPACT_ATOMS: atom_id res chain seq x y z
N SER A 11 26.68 -14.04 -40.29
CA SER A 11 25.69 -13.19 -40.95
C SER A 11 24.55 -13.99 -41.58
N LEU A 12 24.05 -15.00 -40.86
CA LEU A 12 23.05 -15.93 -41.39
C LEU A 12 21.64 -15.35 -41.60
N ASN A 13 20.75 -16.20 -42.12
CA ASN A 13 19.70 -15.70 -43.02
C ASN A 13 18.50 -14.98 -42.41
N ASP A 14 18.01 -15.44 -41.27
CA ASP A 14 16.90 -14.80 -40.58
C ASP A 14 17.36 -13.82 -39.49
N LYS A 15 18.68 -13.72 -39.30
CA LYS A 15 19.24 -13.02 -38.16
C LYS A 15 19.06 -11.50 -38.05
N ASP A 16 19.06 -10.77 -39.16
CA ASP A 16 18.86 -9.32 -39.05
C ASP A 16 17.48 -9.03 -38.49
N GLU A 17 16.48 -9.78 -38.95
CA GLU A 17 15.11 -9.64 -38.47
C GLU A 17 14.97 -10.11 -37.03
N GLU A 18 15.59 -11.24 -36.70
CA GLU A 18 15.57 -11.75 -35.34
C GLU A 18 16.08 -10.69 -34.36
N ILE A 19 17.17 -10.02 -34.75
CA ILE A 19 17.76 -8.95 -33.96
C ILE A 19 16.80 -7.78 -33.80
N LYS A 20 16.11 -7.42 -34.88
CA LYS A 20 15.13 -6.35 -34.86
C LYS A 20 14.02 -6.68 -33.88
N LYS A 21 13.54 -7.91 -33.91
CA LYS A 21 12.46 -8.33 -33.03
C LYS A 21 12.92 -8.33 -31.57
N LEU A 22 14.09 -8.90 -31.30
CA LEU A 22 14.63 -8.95 -29.95
C LEU A 22 14.86 -7.53 -29.38
N ARG A 23 15.30 -6.60 -30.22
CA ARG A 23 15.50 -5.22 -29.80
C ARG A 23 14.18 -4.60 -29.37
N GLY A 24 13.11 -4.98 -30.07
CA GLY A 24 11.77 -4.51 -29.77
C GLY A 24 11.29 -5.03 -28.44
N PHE A 25 11.50 -6.32 -28.20
CA PHE A 25 11.13 -6.93 -26.93
C PHE A 25 11.85 -6.24 -25.79
N CYS A 26 13.14 -5.95 -25.97
CA CYS A 26 13.89 -5.26 -24.93
C CYS A 26 13.33 -3.89 -24.54
N SER A 27 12.98 -3.06 -25.50
CA SER A 27 12.45 -1.72 -25.20
C SER A 27 11.11 -1.88 -24.50
N ARG A 28 10.34 -2.87 -24.95
CA ARG A 28 9.06 -3.17 -24.34
C ARG A 28 9.25 -3.64 -22.90
N TYR A 29 10.11 -4.63 -22.70
CA TYR A 29 10.49 -5.08 -21.35
C TYR A 29 10.98 -3.91 -20.48
N LYS A 30 11.79 -3.03 -21.04
CA LYS A 30 12.34 -1.91 -20.30
C LYS A 30 11.26 -0.92 -19.83
N ARG A 31 10.25 -0.71 -20.66
CA ARG A 31 9.15 0.18 -20.32
C ARG A 31 8.32 -0.43 -19.20
N GLU A 32 7.96 -1.70 -19.37
CA GLU A 32 7.15 -2.43 -18.41
C GLU A 32 7.84 -2.57 -17.06
N ASN A 33 9.17 -2.67 -17.10
CA ASN A 33 9.97 -2.76 -15.89
C ASN A 33 9.91 -1.46 -15.09
N ALA A 34 10.08 -0.34 -15.79
CA ALA A 34 10.01 0.98 -15.18
C ALA A 34 8.66 1.26 -14.53
N SER A 35 7.58 0.89 -15.20
CA SER A 35 6.24 1.13 -14.68
C SER A 35 6.01 0.28 -13.43
N MET A 36 6.48 -0.95 -13.45
CA MET A 36 6.36 -1.78 -12.26
C MET A 36 7.16 -1.27 -11.07
N LYS A 37 8.38 -0.78 -11.31
CA LYS A 37 9.17 -0.17 -10.24
C LYS A 37 8.39 0.97 -9.60
N GLU A 38 7.77 1.78 -10.44
CA GLU A 38 6.95 2.91 -10.04
C GLU A 38 5.76 2.45 -9.20
N ARG A 39 5.08 1.39 -9.66
CA ARG A 39 3.92 0.89 -8.94
C ARG A 39 4.29 0.29 -7.58
N ILE A 40 5.40 -0.43 -7.51
CA ILE A 40 5.86 -1.00 -6.24
C ILE A 40 6.19 0.11 -5.24
N ALA A 41 6.80 1.19 -5.70
CA ALA A 41 7.13 2.30 -4.83
C ALA A 41 5.87 2.98 -4.32
N SER A 42 4.84 3.06 -5.16
CA SER A 42 3.59 3.69 -4.72
C SER A 42 2.90 2.83 -3.69
N CYS A 43 2.93 1.52 -3.89
CA CYS A 43 2.36 0.58 -2.94
C CYS A 43 3.05 0.62 -1.60
N GLU A 44 4.37 0.69 -1.62
CA GLU A 44 5.15 0.73 -0.39
C GLU A 44 4.97 2.04 0.35
N GLN A 45 4.83 3.13 -0.39
CA GLN A 45 4.56 4.41 0.23
C GLN A 45 3.15 4.39 0.88
N GLY A 46 2.18 3.83 0.16
CA GLY A 46 0.86 3.62 0.72
C GLY A 46 0.89 2.80 2.01
N GLU A 47 1.64 1.71 2.02
CA GLU A 47 1.73 0.87 3.21
C GLU A 47 2.39 1.59 4.39
N GLN A 48 3.40 2.41 4.12
CA GLN A 48 4.01 3.21 5.17
C GLN A 48 3.04 4.23 5.75
N GLU A 49 2.31 4.90 4.86
CA GLU A 49 1.32 5.85 5.32
C GLU A 49 0.22 5.18 6.15
N ASN A 50 -0.23 4.00 5.72
CA ASN A 50 -1.28 3.26 6.45
C ASN A 50 -0.86 2.96 7.88
N ALA A 51 0.39 2.54 8.04
CA ALA A 51 0.93 2.19 9.36
C ALA A 51 0.84 3.41 10.30
N LEU A 52 1.24 4.57 9.78
CA LEU A 52 1.15 5.85 10.48
C LEU A 52 -0.28 6.27 10.83
N VAL A 53 -1.21 6.07 9.90
CA VAL A 53 -2.64 6.34 10.19
C VAL A 53 -3.14 5.48 11.33
N MET A 54 -2.84 4.18 11.28
CA MET A 54 -3.28 3.26 12.33
C MET A 54 -2.68 3.67 13.68
N GLU A 55 -1.41 4.07 13.68
CA GLU A 55 -0.76 4.50 14.91
C GLU A 55 -1.49 5.71 15.51
N LYS A 56 -1.85 6.66 14.65
CA LYS A 56 -2.62 7.83 15.09
C LYS A 56 -3.97 7.44 15.63
N LEU A 57 -4.66 6.55 14.90
CA LEU A 57 -5.98 6.10 15.30
C LEU A 57 -5.96 5.37 16.65
N MET A 58 -4.97 4.51 16.85
CA MET A 58 -4.81 3.82 18.13
C MET A 58 -4.53 4.79 19.28
N GLU A 59 -3.72 5.82 19.03
CA GLU A 59 -3.48 6.84 20.05
C GLU A 59 -4.78 7.56 20.39
N GLN A 60 -5.54 7.92 19.36
CA GLN A 60 -6.80 8.63 19.59
C GLN A 60 -7.86 7.82 20.33
N LYS A 61 -7.96 6.52 20.06
CA LYS A 61 -8.91 5.66 20.78
C LYS A 61 -8.55 5.64 22.26
N MET A 62 -7.26 5.50 22.53
CA MET A 62 -6.81 5.43 23.90
C MET A 62 -7.08 6.70 24.68
N GLU A 63 -6.81 7.84 24.05
CA GLU A 63 -7.12 9.12 24.66
C GLU A 63 -8.63 9.31 24.81
N ASP A 64 -9.39 8.85 23.84
CA ASP A 64 -10.85 8.93 23.89
C ASP A 64 -11.43 8.09 25.03
N ARG A 65 -10.93 6.87 25.20
CA ARG A 65 -11.35 6.02 26.31
C ARG A 65 -11.05 6.69 27.65
N LYS A 66 -9.97 7.45 27.70
CA LYS A 66 -9.58 8.16 28.90
C LYS A 66 -10.63 9.21 29.20
N ILE A 67 -11.02 9.94 28.16
CA ILE A 67 -12.04 10.98 28.27
C ILE A 67 -13.39 10.41 28.67
N ILE A 68 -13.76 9.29 28.07
CA ILE A 68 -15.01 8.60 28.37
C ILE A 68 -15.10 8.17 29.84
N GLN A 69 -14.03 7.54 30.34
CA GLN A 69 -13.96 7.12 31.74
C GLN A 69 -14.00 8.33 32.67
N SER A 70 -13.24 9.35 32.32
CA SER A 70 -13.25 10.60 33.05
C SER A 70 -14.65 11.25 33.09
N GLN A 71 -15.45 11.04 32.06
CA GLN A 71 -16.80 11.61 32.03
C GLN A 71 -17.77 10.81 32.90
N LYS A 72 -17.63 9.48 32.87
CA LYS A 72 -18.50 8.60 33.64
C LYS A 72 -18.27 8.76 35.13
N LYS A 73 -17.02 8.98 35.51
CA LYS A 73 -16.66 9.18 36.91
C LYS A 73 -17.13 10.55 37.39
N ALA A 74 -16.99 11.57 36.55
CA ALA A 74 -17.44 12.91 36.92
C ALA A 74 -18.96 12.97 37.11
N MET A 75 -19.70 12.14 36.38
CA MET A 75 -21.14 12.02 36.52
C MET A 75 -21.50 11.21 37.76
N ARG A 76 -20.75 10.14 38.00
CA ARG A 76 -20.87 9.32 39.22
C ARG A 76 -20.72 10.20 40.47
N ASN A 77 -19.73 11.08 40.42
CA ASN A 77 -19.36 11.98 41.53
C ASN A 77 -20.32 13.11 41.86
N VAL A 78 -21.29 13.37 40.98
CA VAL A 78 -22.23 14.47 41.20
C VAL A 78 -23.31 14.15 42.23
N ASN B 13 29.35 -14.05 -36.66
CA ASN B 13 30.08 -13.72 -35.44
C ASN B 13 29.68 -12.37 -34.83
N ASP B 14 29.32 -11.41 -35.67
CA ASP B 14 28.89 -10.11 -35.17
C ASP B 14 27.41 -10.18 -34.89
N LYS B 15 26.67 -10.85 -35.77
CA LYS B 15 25.24 -10.95 -35.61
C LYS B 15 24.95 -11.90 -34.45
N ASP B 16 25.78 -12.93 -34.34
CA ASP B 16 25.64 -13.95 -33.30
C ASP B 16 25.80 -13.38 -31.90
N GLU B 17 26.76 -12.48 -31.72
CA GLU B 17 27.00 -11.88 -30.41
C GLU B 17 25.84 -10.97 -30.00
N GLU B 18 25.38 -10.13 -30.93
CA GLU B 18 24.24 -9.26 -30.66
C GLU B 18 23.04 -10.08 -30.23
N ILE B 19 22.81 -11.19 -30.92
CA ILE B 19 21.71 -12.09 -30.59
C ILE B 19 21.86 -12.69 -29.19
N LYS B 20 23.07 -13.12 -28.86
CA LYS B 20 23.33 -13.68 -27.54
C LYS B 20 23.06 -12.62 -26.46
N LYS B 21 23.51 -11.39 -26.74
CA LYS B 21 23.35 -10.26 -25.83
C LYS B 21 21.88 -9.90 -25.61
N LEU B 22 21.14 -9.74 -26.69
CA LEU B 22 19.72 -9.39 -26.61
C LEU B 22 18.89 -10.48 -25.92
N ARG B 23 19.21 -11.74 -26.20
CA ARG B 23 18.53 -12.85 -25.54
C ARG B 23 18.77 -12.82 -24.05
N GLY B 24 19.97 -12.40 -23.66
CA GLY B 24 20.33 -12.29 -22.26
C GLY B 24 19.50 -11.24 -21.56
N PHE B 25 19.35 -10.07 -22.18
CA PHE B 25 18.51 -9.00 -21.63
C PHE B 25 17.09 -9.46 -21.46
N CYS B 26 16.56 -10.09 -22.50
CA CYS B 26 15.19 -10.58 -22.49
C CYS B 26 14.95 -11.56 -21.34
N SER B 27 15.85 -12.51 -21.15
CA SER B 27 15.69 -13.48 -20.06
C SER B 27 15.79 -12.78 -18.69
N ARG B 28 16.67 -11.79 -18.60
CA ARG B 28 16.87 -11.00 -17.39
C ARG B 28 15.62 -10.19 -17.05
N TYR B 29 15.19 -9.35 -17.99
CA TYR B 29 13.96 -8.56 -17.87
C TYR B 29 12.77 -9.41 -17.50
N LYS B 30 12.65 -10.55 -18.15
CA LYS B 30 11.52 -11.44 -17.99
C LYS B 30 11.47 -12.02 -16.57
N ARG B 31 12.65 -12.28 -16.01
CA ARG B 31 12.79 -12.79 -14.65
C ARG B 31 12.46 -11.70 -13.63
N GLU B 32 12.99 -10.50 -13.86
CA GLU B 32 12.72 -9.37 -12.99
C GLU B 32 11.25 -8.94 -13.01
N ASN B 33 10.60 -9.02 -14.18
CA ASN B 33 9.19 -8.66 -14.29
C ASN B 33 8.31 -9.65 -13.54
N ALA B 34 8.59 -10.93 -13.72
CA ALA B 34 7.86 -11.98 -13.00
C ALA B 34 7.97 -11.77 -11.50
N SER B 35 9.16 -11.39 -11.05
CA SER B 35 9.44 -11.17 -9.63
C SER B 35 8.65 -9.98 -9.08
N MET B 36 8.59 -8.91 -9.87
CA MET B 36 7.81 -7.74 -9.51
C MET B 36 6.30 -7.95 -9.45
N LYS B 37 5.72 -8.71 -10.38
CA LYS B 37 4.29 -9.04 -10.27
C LYS B 37 3.98 -9.71 -8.94
N GLU B 38 4.87 -10.61 -8.54
CA GLU B 38 4.75 -11.31 -7.28
C GLU B 38 4.78 -10.31 -6.11
N ARG B 39 5.73 -9.38 -6.16
CA ARG B 39 5.87 -8.34 -5.14
C ARG B 39 4.70 -7.37 -5.13
N ILE B 40 4.26 -6.97 -6.31
CA ILE B 40 3.11 -6.07 -6.42
C ILE B 40 1.88 -6.77 -5.87
N ALA B 41 1.73 -8.06 -6.13
CA ALA B 41 0.56 -8.80 -5.66
C ALA B 41 0.51 -8.92 -4.14
N SER B 42 1.65 -9.13 -3.49
CA SER B 42 1.67 -9.23 -2.04
C SER B 42 1.45 -7.86 -1.38
N CYS B 43 1.93 -6.81 -2.06
CA CYS B 43 1.70 -5.42 -1.65
C CYS B 43 0.21 -5.07 -1.63
N GLU B 44 -0.49 -5.44 -2.69
CA GLU B 44 -1.91 -5.15 -2.82
C GLU B 44 -2.71 -5.95 -1.81
N GLN B 45 -2.25 -7.15 -1.53
CA GLN B 45 -2.84 -7.98 -0.49
C GLN B 45 -2.62 -7.36 0.93
N GLY B 46 -1.41 -6.89 1.19
CA GLY B 46 -1.12 -6.15 2.41
C GLY B 46 -2.05 -4.96 2.54
N GLU B 47 -2.22 -4.22 1.45
CA GLU B 47 -3.10 -3.06 1.45
C GLU B 47 -4.56 -3.43 1.69
N GLN B 48 -5.02 -4.54 1.13
CA GLN B 48 -6.39 -4.96 1.43
C GLN B 48 -6.55 -5.28 2.93
N GLU B 49 -5.56 -5.97 3.50
CA GLU B 49 -5.59 -6.26 4.93
C GLU B 49 -5.53 -4.99 5.79
N ASN B 50 -4.68 -4.05 5.42
CA ASN B 50 -4.56 -2.76 6.11
C ASN B 50 -5.92 -2.05 6.13
N ALA B 51 -6.63 -2.14 5.01
CA ALA B 51 -7.91 -1.45 4.84
C ALA B 51 -8.92 -1.92 5.86
N LEU B 52 -9.00 -3.23 6.07
CA LEU B 52 -9.91 -3.75 7.09
C LEU B 52 -9.54 -3.28 8.49
N VAL B 53 -8.26 -3.30 8.81
CA VAL B 53 -7.82 -2.79 10.12
C VAL B 53 -8.16 -1.29 10.26
N MET B 54 -7.85 -0.51 9.24
CA MET B 54 -8.09 0.92 9.30
C MET B 54 -9.57 1.22 9.42
N GLU B 55 -10.38 0.48 8.67
CA GLU B 55 -11.84 0.68 8.76
C GLU B 55 -12.37 0.38 10.17
N LYS B 56 -11.90 -0.71 10.75
CA LYS B 56 -12.31 -1.05 12.10
C LYS B 56 -11.87 0.00 13.11
N LEU B 57 -10.63 0.47 13.01
CA LEU B 57 -10.15 1.49 13.91
C LEU B 57 -10.91 2.81 13.71
N MET B 58 -11.21 3.16 12.47
CA MET B 58 -11.98 4.39 12.23
C MET B 58 -13.42 4.35 12.80
N GLU B 59 -14.09 3.20 12.67
CA GLU B 59 -15.41 3.00 13.23
C GLU B 59 -15.40 3.14 14.74
N GLN B 60 -14.41 2.53 15.36
CA GLN B 60 -14.27 2.59 16.81
C GLN B 60 -14.00 4.00 17.27
N LYS B 61 -13.15 4.73 16.55
CA LYS B 61 -12.91 6.12 16.93
C LYS B 61 -14.17 6.99 16.86
N MET B 62 -14.93 6.82 15.80
CA MET B 62 -16.14 7.60 15.63
CA MET B 62 -16.16 7.57 15.60
C MET B 62 -17.20 7.19 16.65
N GLU B 63 -17.22 5.92 16.99
CA GLU B 63 -18.10 5.43 18.04
C GLU B 63 -17.70 6.03 19.39
N ASP B 64 -16.39 6.16 19.62
CA ASP B 64 -15.91 6.80 20.85
C ASP B 64 -16.36 8.27 20.93
N ARG B 65 -16.19 9.00 19.82
CA ARG B 65 -16.60 10.40 19.75
C ARG B 65 -18.10 10.56 19.96
N LYS B 66 -18.88 9.57 19.50
CA LYS B 66 -20.31 9.58 19.70
C LYS B 66 -20.64 9.48 21.20
N ILE B 67 -19.95 8.58 21.88
CA ILE B 67 -20.14 8.38 23.31
C ILE B 67 -19.75 9.66 24.04
N ILE B 68 -18.61 10.23 23.66
CA ILE B 68 -18.14 11.44 24.29
C ILE B 68 -19.16 12.57 24.14
N GLN B 69 -19.70 12.77 22.95
CA GLN B 69 -20.73 13.79 22.71
C GLN B 69 -22.00 13.54 23.51
N SER B 70 -22.46 12.30 23.52
CA SER B 70 -23.62 11.92 24.29
C SER B 70 -23.42 12.16 25.79
N GLN B 71 -22.20 11.98 26.27
CA GLN B 71 -21.92 12.15 27.70
C GLN B 71 -21.73 13.62 28.03
N LYS B 72 -21.22 14.37 27.07
CA LYS B 72 -21.04 15.80 27.24
C LYS B 72 -22.42 16.44 27.37
N LYS B 73 -23.39 15.89 26.64
CA LYS B 73 -24.77 16.36 26.72
C LYS B 73 -25.48 16.00 28.02
N ALA B 74 -25.22 14.80 28.51
CA ALA B 74 -25.83 14.35 29.77
C ALA B 74 -25.37 15.19 30.94
N MET B 75 -24.12 15.63 30.89
CA MET B 75 -23.59 16.46 31.95
C MET B 75 -24.15 17.86 31.79
N ARG B 76 -24.25 18.33 30.55
CA ARG B 76 -24.89 19.61 30.27
C ARG B 76 -26.32 19.59 30.84
N ASN B 77 -27.00 18.48 30.68
CA ASN B 77 -28.37 18.39 31.17
C ASN B 77 -28.46 18.40 32.69
N VAL B 78 -27.40 17.96 33.35
CA VAL B 78 -27.37 17.86 34.80
C VAL B 78 -27.00 19.20 35.42
N ARG B 79 -26.10 19.92 34.77
CA ARG B 79 -25.68 21.27 35.18
C ARG B 79 -26.78 22.26 34.84
N GLY B 80 -27.73 21.81 34.02
CA GLY B 80 -28.92 22.56 33.68
C GLY B 80 -28.66 23.99 33.26
S SO4 C . -10.52 -2.68 21.53
O1 SO4 C . -9.08 -2.68 21.76
O2 SO4 C . -11.19 -3.28 22.68
O3 SO4 C . -10.96 -1.29 21.37
O4 SO4 C . -10.85 -3.43 20.32
S SO4 D . -27.86 10.96 22.56
O1 SO4 D . -26.61 10.29 22.20
O2 SO4 D . -28.61 10.11 23.48
O3 SO4 D . -27.57 12.24 23.19
O4 SO4 D . -28.66 11.18 21.35
S SO4 E . 20.87 -22.23 -27.12
O1 SO4 E . 22.07 -21.39 -27.09
O2 SO4 E . 20.48 -22.59 -25.76
O3 SO4 E . 19.77 -21.50 -27.75
O4 SO4 E . 21.16 -23.44 -27.88
S SO4 F . -15.34 -3.79 18.46
O1 SO4 F . -14.12 -4.60 18.61
O2 SO4 F . -15.39 -2.77 19.50
O3 SO4 F . -15.33 -3.13 17.15
O4 SO4 F . -16.50 -4.66 18.56
#